data_7XWR
#
_entry.id   7XWR
#
_cell.length_a   52.436
_cell.length_b   89.226
_cell.length_c   101.532
_cell.angle_alpha   90.000
_cell.angle_beta   90.000
_cell.angle_gamma   90.000
#
_symmetry.space_group_name_H-M   'P 21 21 21'
#
loop_
_entity.id
_entity.type
_entity.pdbx_description
1 polymer 'Estrogen receptor beta'
2 polymer 'SRC peptide'
3 non-polymer (2~{S})-2-(2-chloranyl-4-oxidanyl-phenyl)-3-(4-hydroxyphenyl)propanenitrile
4 water water
#
loop_
_entity_poly.entity_id
_entity_poly.type
_entity_poly.pdbx_seq_one_letter_code
_entity_poly.pdbx_strand_id
1 'polypeptide(L)'
;GPLGSDALSPEQLVLTLLEAEPPHVLISRPSAPFTEASMMMSLTKLADKELVHMISWAKKIPGFVELSLFDQVRLLESSW
MEVLMMGLMWRSIDHPGKLIFAPDLVLDRDEGKSVEGILEIFDMLLATTSRFRELKLQHKEYLCVKAMILLNSSMYPLVT
ATQDADSSRKLAHLLNAVTDALVWVIAKSGISSQQQSMRLANLLMLLSHVRHASNKGMEHLLNMKSKNVVPVYDLLLEML
NAHVLDD
;
A,B
2 'polypeptide(L)' SGSHKLVQLLTTT C,D
#
# COMPACT_ATOMS: atom_id res chain seq x y z
N LEU A 8 29.14 -2.15 2.70
CA LEU A 8 28.66 -3.26 1.78
C LEU A 8 28.31 -2.68 0.40
N SER A 9 28.92 -3.20 -0.68
CA SER A 9 28.50 -2.96 -2.09
C SER A 9 27.11 -3.54 -2.29
N PRO A 10 26.20 -2.87 -3.03
CA PRO A 10 24.90 -3.45 -3.33
C PRO A 10 24.97 -4.93 -3.75
N GLU A 11 25.99 -5.32 -4.54
CA GLU A 11 26.17 -6.74 -4.96
C GLU A 11 26.22 -7.63 -3.72
N GLN A 12 27.01 -7.24 -2.72
CA GLN A 12 27.25 -8.04 -1.50
C GLN A 12 26.04 -8.01 -0.59
N LEU A 13 25.38 -6.87 -0.44
CA LEU A 13 24.04 -6.84 0.23
C LEU A 13 23.15 -7.92 -0.40
N VAL A 14 23.07 -7.99 -1.72
CA VAL A 14 22.08 -8.91 -2.36
C VAL A 14 22.50 -10.36 -2.07
N LEU A 15 23.82 -10.68 -2.12
CA LEU A 15 24.37 -12.01 -1.74
C LEU A 15 24.02 -12.25 -0.27
N THR A 16 24.24 -11.28 0.61
CA THR A 16 23.72 -11.32 2.00
C THR A 16 22.26 -11.81 1.96
N LEU A 17 21.39 -11.19 1.15
CA LEU A 17 19.94 -11.55 1.15
C LEU A 17 19.74 -12.95 0.57
N LEU A 18 20.51 -13.27 -0.47
CA LEU A 18 20.48 -14.61 -1.11
C LEU A 18 20.72 -15.63 -0.01
N GLU A 19 21.80 -15.41 0.73
CA GLU A 19 22.29 -16.23 1.87
C GLU A 19 21.28 -16.24 3.03
N ALA A 20 20.37 -15.27 3.13
CA ALA A 20 19.34 -15.24 4.21
C ALA A 20 18.15 -16.12 3.87
N GLU A 21 18.05 -16.62 2.63
CA GLU A 21 16.77 -17.18 2.13
C GLU A 21 16.35 -18.31 3.07
N PRO A 22 15.05 -18.42 3.43
CA PRO A 22 14.57 -19.51 4.27
C PRO A 22 14.48 -20.78 3.44
N PRO A 23 14.46 -21.98 4.05
CA PRO A 23 14.35 -23.24 3.31
C PRO A 23 12.97 -23.48 2.69
N HIS A 24 12.87 -24.43 1.76
CA HIS A 24 11.56 -24.90 1.25
C HIS A 24 10.85 -25.49 2.47
N VAL A 25 9.62 -25.07 2.76
CA VAL A 25 8.82 -25.65 3.87
C VAL A 25 7.77 -26.59 3.31
N LEU A 26 7.52 -27.72 3.99
CA LEU A 26 6.50 -28.75 3.63
C LEU A 26 5.56 -28.99 4.82
N ILE A 27 4.29 -29.20 4.56
CA ILE A 27 3.23 -29.33 5.60
C ILE A 27 3.14 -30.80 6.04
N SER A 28 3.88 -31.70 5.39
CA SER A 28 3.97 -33.14 5.73
C SER A 28 2.57 -33.74 5.98
N ARG A 29 1.63 -33.54 5.03
CA ARG A 29 0.20 -33.99 5.10
C ARG A 29 -0.34 -33.78 6.52
N GLU A 36 -11.66 -28.44 2.76
CA GLU A 36 -12.41 -27.41 3.54
C GLU A 36 -11.63 -27.08 4.83
N ALA A 37 -11.96 -27.77 5.92
CA ALA A 37 -11.23 -27.69 7.21
C ALA A 37 -9.73 -27.94 6.94
N SER A 38 -9.44 -29.02 6.22
CA SER A 38 -8.08 -29.54 5.88
C SER A 38 -7.29 -28.55 5.02
N MET A 39 -7.93 -27.81 4.12
CA MET A 39 -7.21 -26.79 3.31
C MET A 39 -6.72 -25.71 4.28
N MET A 40 -7.66 -25.16 5.05
CA MET A 40 -7.44 -24.08 6.04
C MET A 40 -6.45 -24.56 7.10
N MET A 41 -6.67 -25.73 7.68
CA MET A 41 -5.74 -26.31 8.66
C MET A 41 -4.35 -26.35 8.03
N SER A 42 -4.24 -26.64 6.72
CA SER A 42 -2.92 -26.79 6.04
C SER A 42 -2.24 -25.43 5.81
N LEU A 43 -3.02 -24.37 5.66
CA LEU A 43 -2.52 -23.00 5.37
C LEU A 43 -1.98 -22.36 6.67
N THR A 44 -2.73 -22.46 7.77
CA THR A 44 -2.36 -22.00 9.13
C THR A 44 -1.12 -22.76 9.60
N LYS A 45 -1.10 -24.08 9.44
CA LYS A 45 0.05 -24.94 9.85
C LYS A 45 1.29 -24.52 9.04
N LEU A 46 1.12 -24.25 7.75
CA LEU A 46 2.21 -23.71 6.89
C LEU A 46 2.59 -22.31 7.38
N ALA A 47 1.63 -21.45 7.71
CA ALA A 47 1.94 -20.04 8.08
C ALA A 47 2.87 -20.05 9.32
N ASP A 48 2.52 -20.91 10.30
CA ASP A 48 3.27 -21.07 11.58
C ASP A 48 4.70 -21.54 11.26
N LYS A 49 4.88 -22.55 10.44
CA LYS A 49 6.27 -23.02 10.13
C LYS A 49 7.05 -21.90 9.46
N GLU A 50 6.40 -21.12 8.58
CA GLU A 50 7.12 -20.13 7.73
C GLU A 50 7.56 -18.95 8.59
N LEU A 51 6.76 -18.61 9.60
CA LEU A 51 7.01 -17.49 10.55
C LEU A 51 8.28 -17.81 11.35
N VAL A 52 8.44 -19.08 11.74
CA VAL A 52 9.69 -19.53 12.41
C VAL A 52 10.85 -19.18 11.49
N HIS A 53 10.83 -19.57 10.22
CA HIS A 53 11.99 -19.33 9.30
C HIS A 53 12.12 -17.87 8.94
N MET A 54 11.02 -17.11 9.01
CA MET A 54 10.99 -15.67 8.64
C MET A 54 11.84 -14.87 9.63
N ILE A 55 11.71 -15.28 10.89
CA ILE A 55 12.43 -14.67 12.03
C ILE A 55 13.94 -14.84 11.79
N SER A 56 14.40 -16.05 11.46
CA SER A 56 15.85 -16.26 11.16
C SER A 56 16.23 -15.42 9.93
N TRP A 57 15.35 -15.38 8.94
CA TRP A 57 15.62 -14.65 7.68
C TRP A 57 15.91 -13.19 8.03
N ALA A 58 15.03 -12.53 8.79
CA ALA A 58 15.13 -11.10 9.16
C ALA A 58 16.43 -10.86 9.93
N LYS A 59 16.73 -11.76 10.89
CA LYS A 59 17.94 -11.71 11.76
C LYS A 59 19.19 -11.66 10.88
N LYS A 60 19.14 -12.21 9.66
CA LYS A 60 20.34 -12.31 8.77
C LYS A 60 20.40 -11.13 7.79
N ILE A 61 19.43 -10.20 7.81
CA ILE A 61 19.49 -8.96 6.99
C ILE A 61 20.49 -8.02 7.68
N PRO A 62 21.68 -7.72 7.11
CA PRO A 62 22.66 -6.89 7.80
C PRO A 62 21.98 -5.71 8.49
N GLY A 63 22.27 -5.50 9.78
CA GLY A 63 21.82 -4.33 10.54
C GLY A 63 20.47 -4.55 11.19
N PHE A 64 19.68 -5.54 10.78
CA PHE A 64 18.34 -5.77 11.37
C PHE A 64 18.47 -5.98 12.89
N VAL A 65 19.42 -6.85 13.30
CA VAL A 65 19.69 -7.18 14.73
C VAL A 65 20.36 -6.00 15.45
N GLU A 66 20.89 -5.00 14.74
CA GLU A 66 21.39 -3.72 15.33
C GLU A 66 20.21 -2.77 15.60
N LEU A 67 18.97 -3.10 15.21
CA LEU A 67 17.80 -2.22 15.53
C LEU A 67 17.31 -2.54 16.94
N SER A 68 16.60 -1.61 17.58
CA SER A 68 15.96 -1.83 18.89
C SER A 68 15.08 -3.08 18.79
N LEU A 69 14.90 -3.82 19.89
CA LEU A 69 14.09 -5.05 19.90
C LEU A 69 12.63 -4.63 19.70
N PHE A 70 12.26 -3.44 20.14
CA PHE A 70 10.89 -2.89 19.90
C PHE A 70 10.70 -2.72 18.39
N ASP A 71 11.72 -2.20 17.68
CA ASP A 71 11.69 -1.97 16.22
C ASP A 71 11.57 -3.34 15.51
N GLN A 72 12.49 -4.28 15.76
CA GLN A 72 12.51 -5.68 15.21
C GLN A 72 11.12 -6.33 15.32
N VAL A 73 10.54 -6.33 16.52
CA VAL A 73 9.20 -6.88 16.87
C VAL A 73 8.12 -6.21 16.01
N ARG A 74 8.14 -4.88 15.96
CA ARG A 74 7.13 -4.06 15.24
C ARG A 74 7.23 -4.32 13.75
N LEU A 75 8.44 -4.37 13.16
CA LEU A 75 8.59 -4.56 11.70
C LEU A 75 8.07 -5.95 11.31
N LEU A 76 8.35 -7.00 12.08
CA LEU A 76 7.86 -8.36 11.80
C LEU A 76 6.35 -8.46 12.08
N GLU A 77 5.86 -7.83 13.15
CA GLU A 77 4.41 -7.85 13.48
C GLU A 77 3.60 -7.18 12.37
N SER A 78 4.04 -6.03 11.88
CA SER A 78 3.48 -5.28 10.73
C SER A 78 3.44 -6.17 9.49
N SER A 79 4.61 -6.68 9.09
CA SER A 79 4.90 -7.02 7.69
C SER A 79 4.68 -8.52 7.42
N TRP A 80 4.38 -9.36 8.41
CA TRP A 80 4.60 -10.83 8.27
C TRP A 80 3.78 -11.43 7.14
N MET A 81 2.49 -11.12 7.08
CA MET A 81 1.55 -11.63 6.04
C MET A 81 1.97 -11.16 4.64
N GLU A 82 2.37 -9.90 4.45
CA GLU A 82 2.85 -9.38 3.15
C GLU A 82 4.13 -10.15 2.78
N VAL A 83 5.01 -10.43 3.76
CA VAL A 83 6.24 -11.23 3.50
C VAL A 83 5.85 -12.69 3.22
N LEU A 84 4.87 -13.29 3.91
CA LEU A 84 4.43 -14.66 3.51
C LEU A 84 3.91 -14.65 2.05
N MET A 85 3.10 -13.65 1.72
CA MET A 85 2.46 -13.54 0.39
C MET A 85 3.48 -13.26 -0.70
N MET A 86 4.56 -12.53 -0.43
CA MET A 86 5.50 -12.13 -1.49
C MET A 86 6.22 -13.40 -1.92
N GLY A 87 6.54 -14.22 -0.93
CA GLY A 87 7.19 -15.53 -1.13
C GLY A 87 6.30 -16.45 -1.93
N LEU A 88 5.02 -16.49 -1.58
CA LEU A 88 4.03 -17.31 -2.30
C LEU A 88 4.06 -16.92 -3.80
N MET A 89 4.05 -15.62 -4.12
CA MET A 89 4.03 -15.14 -5.53
C MET A 89 5.30 -15.58 -6.27
N TRP A 90 6.49 -15.41 -5.70
CA TRP A 90 7.76 -15.88 -6.35
C TRP A 90 7.72 -17.40 -6.61
N ARG A 91 7.28 -18.19 -5.64
CA ARG A 91 7.16 -19.66 -5.80
C ARG A 91 6.09 -19.99 -6.84
N SER A 92 5.11 -19.11 -7.04
CA SER A 92 3.97 -19.30 -7.96
C SER A 92 4.27 -18.71 -9.35
N ILE A 93 5.39 -18.01 -9.54
CA ILE A 93 5.58 -17.11 -10.71
C ILE A 93 5.54 -17.94 -11.99
N ASP A 94 6.18 -19.12 -12.02
CA ASP A 94 6.29 -19.98 -13.22
C ASP A 94 5.07 -20.89 -13.38
N HIS A 95 4.04 -20.82 -12.54
CA HIS A 95 2.98 -21.88 -12.46
C HIS A 95 1.62 -21.22 -12.49
N PRO A 96 1.23 -20.62 -13.63
CA PRO A 96 0.01 -19.82 -13.72
C PRO A 96 -1.20 -20.70 -13.40
N GLY A 97 -2.18 -20.17 -12.68
CA GLY A 97 -3.31 -20.93 -12.11
C GLY A 97 -2.96 -21.65 -10.81
N LYS A 98 -1.66 -21.78 -10.50
CA LYS A 98 -1.14 -22.48 -9.30
C LYS A 98 -0.73 -21.44 -8.24
N LEU A 99 -1.22 -21.59 -7.02
CA LEU A 99 -0.62 -20.96 -5.81
C LEU A 99 0.22 -22.03 -5.11
N ILE A 100 1.55 -21.92 -5.25
CA ILE A 100 2.52 -22.96 -4.77
C ILE A 100 2.84 -22.64 -3.33
N PHE A 101 1.87 -22.83 -2.44
CA PHE A 101 2.03 -22.67 -0.98
C PHE A 101 3.26 -23.51 -0.54
N ALA A 102 3.22 -24.82 -0.82
CA ALA A 102 4.35 -25.76 -0.66
C ALA A 102 4.30 -26.83 -1.76
N PRO A 103 5.41 -27.56 -2.01
CA PRO A 103 5.38 -28.75 -2.83
C PRO A 103 4.23 -29.74 -2.53
N ASP A 104 3.90 -29.95 -1.25
CA ASP A 104 2.78 -30.85 -0.83
C ASP A 104 1.55 -29.99 -0.56
N LEU A 105 1.55 -28.74 -1.03
CA LEU A 105 0.37 -27.87 -0.93
C LEU A 105 0.35 -26.93 -2.13
N VAL A 106 -0.29 -27.36 -3.23
CA VAL A 106 -0.56 -26.55 -4.45
C VAL A 106 -2.07 -26.36 -4.54
N LEU A 107 -2.52 -25.12 -4.69
CA LEU A 107 -3.97 -24.80 -4.77
C LEU A 107 -4.27 -23.95 -6.00
N ASP A 108 -5.41 -24.23 -6.62
CA ASP A 108 -6.06 -23.40 -7.68
C ASP A 108 -7.26 -22.69 -7.04
N ARG A 109 -7.89 -21.76 -7.75
CA ARG A 109 -9.06 -21.02 -7.20
C ARG A 109 -10.27 -21.96 -7.09
N ASP A 110 -10.25 -23.11 -7.75
CA ASP A 110 -11.38 -24.09 -7.66
C ASP A 110 -11.48 -24.53 -6.21
N GLU A 111 -10.34 -24.89 -5.61
CA GLU A 111 -10.22 -25.28 -4.18
C GLU A 111 -10.52 -24.06 -3.31
N GLY A 112 -9.97 -22.89 -3.67
CA GLY A 112 -10.30 -21.61 -3.02
C GLY A 112 -11.79 -21.48 -2.70
N LYS A 113 -12.64 -21.96 -3.61
CA LYS A 113 -14.13 -21.85 -3.52
C LYS A 113 -14.62 -22.53 -2.24
N SER A 114 -13.98 -23.64 -1.80
CA SER A 114 -14.48 -24.53 -0.73
C SER A 114 -14.70 -23.80 0.60
N VAL A 115 -14.10 -22.61 0.79
CA VAL A 115 -14.16 -21.83 2.07
C VAL A 115 -14.52 -20.39 1.74
N GLU A 116 -15.66 -19.92 2.29
CA GLU A 116 -16.15 -18.52 2.20
C GLU A 116 -14.98 -17.53 2.37
N GLY A 117 -14.83 -16.53 1.49
CA GLY A 117 -13.91 -15.38 1.64
C GLY A 117 -12.53 -15.59 1.02
N ILE A 118 -12.18 -16.84 0.70
CA ILE A 118 -10.82 -17.25 0.23
C ILE A 118 -10.64 -16.87 -1.24
N LEU A 119 -11.55 -17.34 -2.08
CA LEU A 119 -11.51 -17.13 -3.55
C LEU A 119 -11.07 -15.67 -3.84
N GLU A 120 -11.72 -14.69 -3.21
CA GLU A 120 -11.35 -13.25 -3.32
C GLU A 120 -9.83 -13.11 -3.09
N ILE A 121 -9.30 -13.80 -2.08
CA ILE A 121 -7.88 -13.66 -1.65
C ILE A 121 -7.02 -14.34 -2.72
N PHE A 122 -7.30 -15.62 -3.00
CA PHE A 122 -6.60 -16.40 -4.04
C PHE A 122 -6.56 -15.60 -5.36
N ASP A 123 -7.65 -14.88 -5.68
CA ASP A 123 -7.78 -14.10 -6.94
C ASP A 123 -6.78 -12.94 -6.93
N MET A 124 -6.72 -12.17 -5.84
CA MET A 124 -5.78 -11.03 -5.70
C MET A 124 -4.34 -11.54 -5.83
N LEU A 125 -4.04 -12.67 -5.17
CA LEU A 125 -2.69 -13.27 -5.16
C LEU A 125 -2.32 -13.72 -6.57
N LEU A 126 -3.28 -14.30 -7.29
CA LEU A 126 -3.10 -14.85 -8.67
C LEU A 126 -2.93 -13.68 -9.64
N ALA A 127 -3.74 -12.64 -9.49
CA ALA A 127 -3.64 -11.41 -10.32
C ALA A 127 -2.24 -10.83 -10.19
N THR A 128 -1.86 -10.47 -8.96
CA THR A 128 -0.56 -9.85 -8.60
C THR A 128 0.57 -10.72 -9.13
N THR A 129 0.44 -12.04 -8.98
CA THR A 129 1.48 -13.01 -9.38
C THR A 129 1.71 -12.87 -10.88
N SER A 130 0.60 -12.83 -11.61
CA SER A 130 0.55 -12.64 -13.08
C SER A 130 1.25 -11.32 -13.44
N ARG A 131 0.98 -10.25 -12.69
CA ARG A 131 1.66 -8.94 -12.89
C ARG A 131 3.18 -9.14 -12.79
N PHE A 132 3.66 -10.02 -11.90
CA PHE A 132 5.13 -10.14 -11.70
C PHE A 132 5.69 -11.02 -12.80
N ARG A 133 4.86 -11.98 -13.26
CA ARG A 133 5.23 -12.90 -14.37
C ARG A 133 5.42 -12.07 -15.63
N GLU A 134 4.47 -11.19 -15.91
CA GLU A 134 4.50 -10.24 -17.06
C GLU A 134 5.75 -9.36 -17.01
N LEU A 135 6.14 -8.87 -15.83
CA LEU A 135 7.32 -7.99 -15.66
C LEU A 135 8.59 -8.82 -15.65
N LYS A 136 8.43 -10.16 -15.73
CA LYS A 136 9.53 -11.15 -15.56
C LYS A 136 10.37 -10.79 -14.34
N LEU A 137 9.74 -10.61 -13.18
CA LEU A 137 10.46 -10.40 -11.89
C LEU A 137 11.68 -11.34 -11.82
N GLN A 138 12.89 -10.79 -11.65
CA GLN A 138 14.12 -11.59 -11.42
C GLN A 138 14.18 -11.98 -9.94
N HIS A 139 14.90 -13.07 -9.65
CA HIS A 139 15.21 -13.53 -8.27
C HIS A 139 15.77 -12.36 -7.43
N LYS A 140 16.82 -11.70 -7.92
CA LYS A 140 17.55 -10.67 -7.15
C LYS A 140 16.63 -9.47 -6.89
N GLU A 141 15.74 -9.16 -7.83
CA GLU A 141 14.66 -8.14 -7.62
C GLU A 141 13.74 -8.66 -6.51
N TYR A 142 13.28 -9.89 -6.61
CA TYR A 142 12.45 -10.53 -5.55
C TYR A 142 13.12 -10.33 -4.19
N LEU A 143 14.39 -10.70 -4.06
CA LEU A 143 15.08 -10.63 -2.75
C LEU A 143 14.98 -9.21 -2.19
N CYS A 144 15.26 -8.21 -3.03
CA CYS A 144 15.34 -6.80 -2.57
C CYS A 144 13.94 -6.41 -2.09
N VAL A 145 12.90 -6.67 -2.88
CA VAL A 145 11.55 -6.09 -2.61
C VAL A 145 10.99 -6.78 -1.38
N LYS A 146 11.20 -8.10 -1.23
CA LYS A 146 10.71 -8.81 -0.03
C LYS A 146 11.22 -8.11 1.24
N ALA A 147 12.53 -7.80 1.26
CA ALA A 147 13.23 -7.09 2.36
C ALA A 147 12.65 -5.69 2.56
N MET A 148 12.41 -4.99 1.45
CA MET A 148 11.81 -3.64 1.41
C MET A 148 10.45 -3.69 2.12
N ILE A 149 9.69 -4.76 1.90
CA ILE A 149 8.32 -4.91 2.47
C ILE A 149 8.46 -4.91 3.99
N LEU A 150 9.47 -5.60 4.52
CA LEU A 150 9.72 -5.70 5.98
C LEU A 150 10.13 -4.30 6.49
N LEU A 151 11.18 -3.79 5.87
CA LEU A 151 11.82 -2.53 6.32
C LEU A 151 10.87 -1.34 6.12
N ASN A 152 9.89 -1.40 5.21
CA ASN A 152 9.06 -0.21 4.86
C ASN A 152 7.68 -0.33 5.51
N SER A 153 7.49 -1.27 6.45
CA SER A 153 6.19 -1.48 7.15
C SER A 153 6.06 -0.51 8.32
N SER A 154 4.84 -0.17 8.75
CA SER A 154 4.56 0.92 9.72
C SER A 154 5.14 0.56 11.10
N ASP A 166 17.00 7.23 17.53
CA ASP A 166 18.20 6.65 16.87
C ASP A 166 17.82 5.42 16.01
N SER A 167 17.25 4.36 16.61
CA SER A 167 16.88 3.11 15.89
C SER A 167 16.13 3.49 14.60
N SER A 168 15.30 4.54 14.64
CA SER A 168 14.65 5.22 13.49
C SER A 168 15.64 5.56 12.36
N ARG A 169 16.88 5.94 12.68
CA ARG A 169 17.90 6.39 11.70
C ARG A 169 18.61 5.15 11.11
N LYS A 170 18.79 4.10 11.93
CA LYS A 170 19.40 2.80 11.56
C LYS A 170 18.48 2.13 10.53
N LEU A 171 17.16 2.18 10.76
CA LEU A 171 16.11 1.62 9.87
C LEU A 171 16.04 2.39 8.55
N ALA A 172 16.08 3.73 8.58
CA ALA A 172 16.12 4.56 7.35
C ALA A 172 17.36 4.16 6.53
N HIS A 173 18.48 3.92 7.19
CA HIS A 173 19.75 3.60 6.49
C HIS A 173 19.63 2.18 5.91
N LEU A 174 19.10 1.22 6.67
CA LEU A 174 18.87 -0.16 6.19
C LEU A 174 17.89 -0.11 4.99
N LEU A 175 16.74 0.54 5.13
CA LEU A 175 15.77 0.60 4.00
C LEU A 175 16.45 1.27 2.79
N ASN A 176 17.24 2.33 2.99
CA ASN A 176 17.88 3.08 1.87
C ASN A 176 18.91 2.20 1.16
N ALA A 177 19.53 1.26 1.84
CA ALA A 177 20.59 0.39 1.26
C ALA A 177 19.94 -0.73 0.45
N VAL A 178 18.77 -1.23 0.87
CA VAL A 178 18.05 -2.28 0.08
C VAL A 178 17.45 -1.59 -1.17
N THR A 179 16.95 -0.36 -1.04
CA THR A 179 16.47 0.46 -2.19
C THR A 179 17.62 0.59 -3.19
N ASP A 180 18.79 0.92 -2.68
CA ASP A 180 20.01 1.09 -3.50
C ASP A 180 20.31 -0.21 -4.23
N ALA A 181 20.16 -1.36 -3.55
CA ALA A 181 20.50 -2.71 -4.08
C ALA A 181 19.56 -3.05 -5.24
N LEU A 182 18.26 -2.81 -5.08
CA LEU A 182 17.26 -3.01 -6.15
C LEU A 182 17.59 -2.14 -7.40
N VAL A 183 17.99 -0.88 -7.26
CA VAL A 183 18.35 0.01 -8.40
C VAL A 183 19.58 -0.56 -9.10
N TRP A 184 20.51 -1.15 -8.34
CA TRP A 184 21.73 -1.77 -8.91
C TRP A 184 21.30 -3.01 -9.71
N VAL A 185 20.56 -3.93 -9.07
CA VAL A 185 20.03 -5.17 -9.71
C VAL A 185 19.47 -4.81 -11.10
N ILE A 186 18.59 -3.82 -11.11
CA ILE A 186 17.94 -3.26 -12.34
C ILE A 186 18.98 -2.69 -13.31
N ALA A 187 19.95 -1.92 -12.83
CA ALA A 187 21.09 -1.39 -13.63
C ALA A 187 21.81 -2.52 -14.39
N LYS A 188 21.90 -3.70 -13.77
CA LYS A 188 22.69 -4.85 -14.29
C LYS A 188 21.98 -5.56 -15.44
N SER A 189 20.64 -5.47 -15.56
CA SER A 189 19.84 -6.02 -16.68
C SER A 189 20.31 -5.40 -18.03
N GLY A 190 20.93 -4.23 -17.99
CA GLY A 190 21.49 -3.55 -19.18
C GLY A 190 20.48 -2.65 -19.89
N ILE A 191 19.20 -2.64 -19.48
CA ILE A 191 18.14 -1.92 -20.23
C ILE A 191 18.47 -0.42 -20.15
N SER A 192 17.79 0.42 -20.92
CA SER A 192 18.09 1.87 -21.01
C SER A 192 17.85 2.51 -19.64
N SER A 193 18.46 3.67 -19.41
CA SER A 193 18.23 4.51 -18.20
C SER A 193 16.71 4.70 -18.01
N GLN A 194 16.03 5.17 -19.07
CA GLN A 194 14.57 5.41 -19.07
C GLN A 194 13.87 4.13 -18.57
N GLN A 195 14.27 2.98 -19.13
CA GLN A 195 13.56 1.68 -18.94
C GLN A 195 13.79 1.18 -17.51
N GLN A 196 14.95 1.47 -16.94
CA GLN A 196 15.29 1.09 -15.54
C GLN A 196 14.31 1.81 -14.60
N SER A 197 14.20 3.11 -14.75
CA SER A 197 13.29 3.99 -13.97
C SER A 197 11.86 3.44 -14.08
N MET A 198 11.45 3.03 -15.28
CA MET A 198 10.07 2.54 -15.54
C MET A 198 9.92 1.15 -14.93
N ARG A 199 10.95 0.32 -15.02
CA ARG A 199 10.95 -1.02 -14.36
C ARG A 199 10.84 -0.84 -12.84
N LEU A 200 11.64 0.07 -12.26
CA LEU A 200 11.67 0.34 -10.80
C LEU A 200 10.27 0.78 -10.31
N ALA A 201 9.66 1.73 -10.99
CA ALA A 201 8.27 2.20 -10.74
C ALA A 201 7.27 1.03 -10.82
N ASN A 202 7.43 0.13 -11.79
CA ASN A 202 6.39 -0.91 -12.02
C ASN A 202 6.48 -1.94 -10.89
N LEU A 203 7.68 -2.28 -10.41
CA LEU A 203 7.86 -3.27 -9.31
C LEU A 203 7.30 -2.68 -7.99
N LEU A 204 7.62 -1.40 -7.73
CA LEU A 204 7.28 -0.68 -6.49
C LEU A 204 5.76 -0.39 -6.46
N MET A 205 5.16 -0.05 -7.58
CA MET A 205 3.69 0.15 -7.57
C MET A 205 2.99 -1.16 -7.19
N LEU A 206 3.61 -2.33 -7.39
CA LEU A 206 2.96 -3.63 -7.07
C LEU A 206 2.95 -3.87 -5.56
N LEU A 207 3.70 -3.12 -4.77
CA LEU A 207 3.78 -3.31 -3.29
C LEU A 207 2.43 -2.99 -2.65
N SER A 208 1.72 -1.97 -3.12
CA SER A 208 0.40 -1.58 -2.51
C SER A 208 -0.61 -2.67 -2.81
N HIS A 209 -0.35 -3.50 -3.83
CA HIS A 209 -1.19 -4.66 -4.25
C HIS A 209 -0.97 -5.81 -3.27
N VAL A 210 0.29 -6.09 -2.89
CA VAL A 210 0.67 -7.08 -1.84
C VAL A 210 0.05 -6.66 -0.50
N ARG A 211 0.15 -5.37 -0.15
CA ARG A 211 -0.36 -4.78 1.11
C ARG A 211 -1.90 -4.87 1.11
N HIS A 212 -2.54 -4.71 -0.05
CA HIS A 212 -4.00 -4.88 -0.25
C HIS A 212 -4.38 -6.34 0.09
N ALA A 213 -3.67 -7.32 -0.49
CA ALA A 213 -3.95 -8.75 -0.31
C ALA A 213 -3.77 -9.11 1.17
N SER A 214 -2.68 -8.60 1.73
CA SER A 214 -2.24 -8.80 3.13
C SER A 214 -3.37 -8.39 4.07
N ASN A 215 -3.87 -7.16 3.91
CA ASN A 215 -5.02 -6.61 4.68
C ASN A 215 -6.22 -7.56 4.58
N LYS A 216 -6.48 -8.12 3.40
CA LYS A 216 -7.67 -8.98 3.17
C LYS A 216 -7.47 -10.29 3.94
N GLY A 217 -6.32 -10.99 3.77
CA GLY A 217 -6.02 -12.29 4.40
C GLY A 217 -6.02 -12.24 5.93
N MET A 218 -5.53 -11.13 6.48
CA MET A 218 -5.40 -10.87 7.95
C MET A 218 -6.80 -10.73 8.55
N GLU A 219 -7.63 -9.87 7.93
CA GLU A 219 -9.11 -9.74 8.14
C GLU A 219 -9.75 -11.14 8.16
N HIS A 220 -9.49 -11.98 7.16
CA HIS A 220 -10.14 -13.33 7.07
C HIS A 220 -9.66 -14.24 8.20
N LEU A 221 -8.38 -14.09 8.60
CA LEU A 221 -7.72 -14.94 9.62
C LEU A 221 -8.22 -14.53 11.02
N LEU A 222 -8.20 -13.24 11.33
CA LEU A 222 -8.84 -12.66 12.54
C LEU A 222 -10.28 -13.20 12.68
N ASN A 223 -11.07 -13.18 11.60
CA ASN A 223 -12.46 -13.72 11.62
C ASN A 223 -12.43 -15.24 11.89
N MET A 224 -11.51 -15.98 11.26
CA MET A 224 -11.39 -17.45 11.45
C MET A 224 -11.04 -17.74 12.92
N LYS A 225 -10.07 -17.02 13.49
CA LYS A 225 -9.68 -17.18 14.92
C LYS A 225 -10.90 -16.90 15.80
N SER A 226 -11.54 -15.76 15.60
CA SER A 226 -12.70 -15.30 16.42
C SER A 226 -13.73 -16.42 16.55
N LYS A 227 -13.87 -17.28 15.54
CA LYS A 227 -14.93 -18.33 15.47
C LYS A 227 -14.38 -19.67 15.98
N ASN A 228 -13.06 -19.76 16.18
CA ASN A 228 -12.31 -20.94 16.70
C ASN A 228 -12.45 -22.14 15.76
N VAL A 229 -12.48 -21.91 14.45
CA VAL A 229 -12.76 -22.98 13.43
C VAL A 229 -11.46 -23.64 12.93
N VAL A 230 -10.31 -22.95 13.06
CA VAL A 230 -8.96 -23.51 12.72
C VAL A 230 -8.08 -23.38 13.95
N PRO A 231 -7.07 -24.26 14.11
CA PRO A 231 -6.06 -24.07 15.15
C PRO A 231 -5.19 -22.86 14.76
N VAL A 232 -5.33 -21.76 15.48
CA VAL A 232 -4.46 -20.53 15.37
C VAL A 232 -3.24 -20.84 16.24
N TYR A 233 -2.29 -21.60 15.68
CA TYR A 233 -1.04 -22.12 16.32
C TYR A 233 -0.32 -21.02 17.10
N ASP A 234 0.59 -21.41 17.99
CA ASP A 234 1.25 -20.51 18.98
C ASP A 234 1.87 -19.30 18.28
N LEU A 235 2.96 -19.46 17.53
CA LEU A 235 3.67 -18.28 16.95
C LEU A 235 2.71 -17.51 16.04
N LEU A 236 1.79 -18.20 15.37
CA LEU A 236 0.82 -17.59 14.42
C LEU A 236 -0.18 -16.73 15.22
N LEU A 237 -0.69 -17.29 16.31
CA LEU A 237 -1.70 -16.62 17.20
C LEU A 237 -1.13 -15.30 17.73
N GLU A 238 0.04 -15.37 18.33
CA GLU A 238 0.81 -14.21 18.81
C GLU A 238 0.88 -13.17 17.68
N MET A 239 1.27 -13.58 16.47
CA MET A 239 1.51 -12.66 15.32
C MET A 239 0.19 -12.03 14.83
N LEU A 240 -0.91 -12.79 14.77
CA LEU A 240 -2.26 -12.27 14.42
C LEU A 240 -2.71 -11.30 15.51
N ASN A 241 -2.60 -11.69 16.78
CA ASN A 241 -3.05 -10.87 17.94
C ASN A 241 -2.39 -9.48 17.91
N ALA A 242 -1.12 -9.38 17.54
CA ALA A 242 -0.37 -8.11 17.47
C ALA A 242 -1.18 -7.08 16.68
N HIS A 243 -1.95 -7.50 15.69
CA HIS A 243 -2.74 -6.62 14.78
C HIS A 243 -4.08 -6.27 15.45
N LEU B 8 -0.25 13.73 -24.61
CA LEU B 8 0.81 13.27 -25.56
C LEU B 8 2.17 13.25 -24.85
N SER B 9 2.95 14.33 -24.88
CA SER B 9 4.29 14.39 -24.23
C SER B 9 4.13 14.38 -22.70
N PRO B 10 5.18 13.98 -21.94
CA PRO B 10 5.15 14.04 -20.47
C PRO B 10 4.81 15.44 -19.93
N GLU B 11 5.49 16.47 -20.47
CA GLU B 11 5.21 17.88 -20.13
C GLU B 11 3.72 18.18 -20.35
N GLN B 12 3.17 17.77 -21.48
CA GLN B 12 1.74 17.98 -21.81
C GLN B 12 0.85 17.22 -20.85
N LEU B 13 1.21 15.98 -20.50
CA LEU B 13 0.44 15.23 -19.46
C LEU B 13 0.45 16.01 -18.13
N VAL B 14 1.61 16.43 -17.65
CA VAL B 14 1.73 17.26 -16.41
C VAL B 14 0.89 18.54 -16.54
N LEU B 15 1.01 19.29 -17.64
CA LEU B 15 0.23 20.55 -17.85
C LEU B 15 -1.26 20.23 -17.82
N THR B 16 -1.68 19.09 -18.36
CA THR B 16 -3.09 18.63 -18.32
C THR B 16 -3.52 18.38 -16.87
N LEU B 17 -2.68 17.68 -16.13
CA LEU B 17 -3.00 17.32 -14.73
C LEU B 17 -3.10 18.62 -13.91
N LEU B 18 -2.17 19.56 -14.14
CA LEU B 18 -2.13 20.87 -13.46
C LEU B 18 -3.51 21.51 -13.58
N GLU B 19 -3.92 21.80 -14.82
CA GLU B 19 -5.22 22.41 -15.17
C GLU B 19 -6.36 21.63 -14.48
N ALA B 20 -6.27 20.30 -14.46
CA ALA B 20 -7.30 19.38 -13.92
C ALA B 20 -7.44 19.47 -12.39
N GLU B 21 -6.51 20.10 -11.66
CA GLU B 21 -6.60 20.16 -10.17
C GLU B 21 -7.99 20.61 -9.75
N PRO B 22 -8.69 19.95 -8.82
CA PRO B 22 -9.99 20.44 -8.36
C PRO B 22 -9.82 21.77 -7.65
N PRO B 23 -10.87 22.61 -7.54
CA PRO B 23 -10.78 23.85 -6.78
C PRO B 23 -10.81 23.55 -5.27
N HIS B 24 -10.48 24.55 -4.45
CA HIS B 24 -10.43 24.38 -2.98
C HIS B 24 -11.88 24.38 -2.48
N VAL B 25 -12.24 23.38 -1.68
CA VAL B 25 -13.61 23.24 -1.09
C VAL B 25 -13.62 24.04 0.21
N LEU B 26 -14.66 24.81 0.44
CA LEU B 26 -14.72 25.70 1.62
C LEU B 26 -15.69 25.09 2.63
N ILE B 27 -15.19 24.86 3.82
CA ILE B 27 -15.98 24.43 5.00
C ILE B 27 -15.55 25.32 6.15
N SER B 28 -16.52 25.93 6.80
CA SER B 28 -16.33 26.70 8.07
C SER B 28 -16.16 25.69 9.22
N ARG B 29 -15.20 25.96 10.10
CA ARG B 29 -15.11 25.34 11.44
C ARG B 29 -16.41 25.60 12.20
N PRO B 30 -16.91 24.64 13.01
CA PRO B 30 -18.06 24.92 13.87
C PRO B 30 -17.69 26.09 14.78
N SER B 31 -18.66 26.98 15.02
CA SER B 31 -18.58 28.11 15.98
C SER B 31 -18.14 27.59 17.36
N ALA B 32 -18.77 26.51 17.82
CA ALA B 32 -18.44 25.84 19.10
C ALA B 32 -17.13 25.07 18.97
N PRO B 33 -16.42 24.85 20.09
CA PRO B 33 -15.33 23.91 20.13
C PRO B 33 -15.92 22.56 19.70
N PHE B 34 -15.07 21.72 19.08
CA PHE B 34 -15.44 20.45 18.41
C PHE B 34 -16.05 19.46 19.41
N THR B 35 -17.10 18.77 18.96
CA THR B 35 -17.73 17.57 19.58
C THR B 35 -17.53 16.37 18.66
N GLU B 36 -17.76 15.15 19.16
CA GLU B 36 -17.84 13.90 18.36
C GLU B 36 -18.57 14.21 17.08
N ALA B 37 -19.82 14.64 17.25
CA ALA B 37 -20.81 14.93 16.19
C ALA B 37 -20.28 16.03 15.26
N SER B 38 -19.81 17.16 15.78
CA SER B 38 -19.53 18.33 14.92
C SER B 38 -18.27 18.05 14.08
N MET B 39 -17.37 17.22 14.61
CA MET B 39 -16.10 16.90 13.91
C MET B 39 -16.40 15.91 12.80
N MET B 40 -17.20 14.88 13.11
CA MET B 40 -17.61 13.87 12.11
C MET B 40 -18.43 14.56 11.03
N MET B 41 -19.36 15.44 11.40
CA MET B 41 -20.20 16.22 10.45
C MET B 41 -19.30 17.05 9.51
N SER B 42 -18.24 17.68 10.03
CA SER B 42 -17.37 18.59 9.24
C SER B 42 -16.52 17.79 8.26
N LEU B 43 -16.03 16.62 8.69
CA LEU B 43 -15.07 15.81 7.88
C LEU B 43 -15.85 15.05 6.81
N THR B 44 -17.12 14.72 7.05
CA THR B 44 -17.93 13.93 6.08
C THR B 44 -18.53 14.90 5.06
N LYS B 45 -19.00 16.06 5.51
CA LYS B 45 -19.48 17.12 4.60
C LYS B 45 -18.38 17.38 3.56
N LEU B 46 -17.14 17.53 4.04
CA LEU B 46 -15.95 17.89 3.22
C LEU B 46 -15.63 16.79 2.23
N ALA B 47 -15.60 15.55 2.74
CA ALA B 47 -15.37 14.31 1.97
C ALA B 47 -16.40 14.28 0.84
N ASP B 48 -17.68 14.46 1.19
CA ASP B 48 -18.78 14.35 0.21
C ASP B 48 -18.58 15.37 -0.93
N LYS B 49 -18.27 16.63 -0.60
CA LYS B 49 -18.08 17.73 -1.59
C LYS B 49 -16.83 17.46 -2.42
N GLU B 50 -15.82 16.86 -1.78
CA GLU B 50 -14.52 16.58 -2.46
C GLU B 50 -14.71 15.40 -3.41
N LEU B 51 -15.50 14.40 -3.04
CA LEU B 51 -15.80 13.22 -3.92
C LEU B 51 -16.39 13.74 -5.24
N VAL B 52 -17.36 14.64 -5.15
CA VAL B 52 -17.94 15.25 -6.38
C VAL B 52 -16.82 15.81 -7.27
N HIS B 53 -15.87 16.56 -6.71
CA HIS B 53 -14.88 17.27 -7.56
C HIS B 53 -13.86 16.23 -8.04
N MET B 54 -13.68 15.16 -7.27
CA MET B 54 -12.72 14.05 -7.62
C MET B 54 -13.14 13.46 -8.97
N ILE B 55 -14.44 13.18 -9.11
CA ILE B 55 -14.98 12.42 -10.27
C ILE B 55 -14.73 13.27 -11.51
N SER B 56 -15.08 14.55 -11.39
CA SER B 56 -14.76 15.57 -12.40
C SER B 56 -13.23 15.58 -12.62
N TRP B 57 -12.40 15.45 -11.59
CA TRP B 57 -10.94 15.56 -11.84
C TRP B 57 -10.48 14.34 -12.64
N ALA B 58 -10.93 13.12 -12.24
CA ALA B 58 -10.67 11.82 -12.91
C ALA B 58 -10.99 11.89 -14.40
N LYS B 59 -12.19 12.36 -14.75
CA LYS B 59 -12.66 12.55 -16.17
C LYS B 59 -11.67 13.43 -16.96
N LYS B 60 -10.87 14.29 -16.32
CA LYS B 60 -9.93 15.22 -17.00
C LYS B 60 -8.54 14.59 -17.14
N ILE B 61 -8.33 13.38 -16.63
CA ILE B 61 -7.05 12.63 -16.86
C ILE B 61 -7.12 12.05 -18.27
N PRO B 62 -6.25 12.47 -19.22
CA PRO B 62 -6.22 11.89 -20.56
C PRO B 62 -6.38 10.38 -20.54
N GLY B 63 -7.44 9.88 -21.19
CA GLY B 63 -7.67 8.45 -21.40
C GLY B 63 -8.54 7.87 -20.32
N PHE B 64 -8.78 8.58 -19.23
CA PHE B 64 -9.60 8.00 -18.14
C PHE B 64 -10.98 7.60 -18.71
N VAL B 65 -11.60 8.50 -19.48
CA VAL B 65 -13.02 8.32 -19.92
C VAL B 65 -13.06 7.30 -21.07
N GLU B 66 -11.90 6.97 -21.65
CA GLU B 66 -11.78 5.91 -22.69
C GLU B 66 -11.86 4.53 -22.03
N LEU B 67 -11.65 4.42 -20.72
CA LEU B 67 -11.79 3.12 -20.00
C LEU B 67 -13.25 2.68 -20.00
N SER B 68 -13.49 1.40 -19.77
CA SER B 68 -14.80 0.78 -19.47
C SER B 68 -15.48 1.57 -18.34
N LEU B 69 -16.78 1.86 -18.42
CA LEU B 69 -17.51 2.50 -17.30
C LEU B 69 -17.18 1.73 -16.02
N PHE B 70 -17.21 0.39 -16.08
CA PHE B 70 -17.07 -0.51 -14.92
C PHE B 70 -15.64 -0.48 -14.34
N ASP B 71 -14.65 -0.04 -15.11
CA ASP B 71 -13.27 0.23 -14.60
C ASP B 71 -13.18 1.63 -13.96
N GLN B 72 -13.69 2.67 -14.61
CA GLN B 72 -13.86 4.00 -13.98
C GLN B 72 -14.55 3.87 -12.61
N VAL B 73 -15.60 3.06 -12.46
CA VAL B 73 -16.24 2.83 -11.14
C VAL B 73 -15.27 2.09 -10.20
N ARG B 74 -14.67 0.98 -10.62
CA ARG B 74 -13.79 0.17 -9.73
C ARG B 74 -12.58 1.01 -9.26
N LEU B 75 -11.92 1.78 -10.12
CA LEU B 75 -10.75 2.63 -9.74
C LEU B 75 -11.14 3.65 -8.67
N LEU B 76 -12.33 4.23 -8.79
CA LEU B 76 -12.71 5.40 -7.98
C LEU B 76 -13.16 4.86 -6.62
N GLU B 77 -13.89 3.75 -6.63
CA GLU B 77 -14.36 3.06 -5.42
C GLU B 77 -13.16 2.56 -4.63
N SER B 78 -12.13 2.10 -5.33
CA SER B 78 -10.89 1.53 -4.78
C SER B 78 -10.07 2.64 -4.11
N SER B 79 -9.79 3.76 -4.80
CA SER B 79 -8.77 4.79 -4.44
C SER B 79 -9.34 6.02 -3.75
N TRP B 80 -10.66 6.25 -3.59
CA TRP B 80 -11.16 7.61 -3.25
C TRP B 80 -10.53 8.11 -1.95
N MET B 81 -10.50 7.28 -0.90
CA MET B 81 -10.03 7.71 0.43
C MET B 81 -8.54 7.99 0.31
N GLU B 82 -7.81 7.18 -0.44
CA GLU B 82 -6.34 7.39 -0.63
C GLU B 82 -6.12 8.72 -1.35
N VAL B 83 -7.02 9.11 -2.27
CA VAL B 83 -6.83 10.30 -3.14
C VAL B 83 -7.17 11.51 -2.28
N LEU B 84 -8.29 11.48 -1.54
CA LEU B 84 -8.59 12.49 -0.49
C LEU B 84 -7.35 12.76 0.38
N MET B 85 -6.76 11.70 0.90
CA MET B 85 -5.64 11.76 1.88
C MET B 85 -4.33 12.28 1.28
N MET B 86 -4.08 12.03 0.01
CA MET B 86 -2.89 12.58 -0.65
C MET B 86 -3.08 14.10 -0.87
N GLY B 87 -4.32 14.51 -1.13
CA GLY B 87 -4.68 15.92 -1.31
C GLY B 87 -4.49 16.69 0.00
N LEU B 88 -4.95 16.09 1.09
CA LEU B 88 -4.79 16.63 2.46
C LEU B 88 -3.30 16.84 2.74
N MET B 89 -2.49 15.77 2.59
CA MET B 89 -1.04 15.79 2.90
C MET B 89 -0.35 16.89 2.08
N TRP B 90 -0.75 17.09 0.82
CA TRP B 90 -0.15 18.14 -0.04
C TRP B 90 -0.61 19.54 0.43
N ARG B 91 -1.89 19.74 0.73
CA ARG B 91 -2.40 20.98 1.37
C ARG B 91 -1.64 21.23 2.68
N SER B 92 -1.29 20.18 3.43
CA SER B 92 -0.73 20.26 4.81
C SER B 92 0.80 20.39 4.82
N ILE B 93 1.47 20.48 3.66
CA ILE B 93 2.95 20.30 3.55
C ILE B 93 3.70 21.63 3.85
N ASP B 94 3.09 22.79 3.57
CA ASP B 94 3.66 24.14 3.86
C ASP B 94 3.20 24.64 5.24
N HIS B 95 2.81 23.75 6.17
CA HIS B 95 2.16 24.10 7.47
C HIS B 95 2.36 22.98 8.48
N PRO B 96 3.62 22.69 8.87
CA PRO B 96 3.94 21.62 9.82
C PRO B 96 3.10 21.57 11.12
N GLY B 97 2.82 20.36 11.62
CA GLY B 97 1.98 20.12 12.80
C GLY B 97 0.49 20.14 12.50
N LYS B 98 0.10 20.82 11.41
CA LYS B 98 -1.34 21.10 11.05
C LYS B 98 -1.79 20.19 9.88
N LEU B 99 -3.09 19.86 9.88
CA LEU B 99 -3.79 19.13 8.80
C LEU B 99 -4.77 20.08 8.13
N ILE B 100 -4.46 20.59 6.93
CA ILE B 100 -5.25 21.67 6.25
C ILE B 100 -6.39 21.01 5.46
N PHE B 101 -7.34 20.36 6.13
CA PHE B 101 -8.53 19.78 5.46
C PHE B 101 -9.19 20.80 4.51
N ALA B 102 -9.28 22.08 4.90
CA ALA B 102 -9.83 23.23 4.12
C ALA B 102 -9.19 24.52 4.63
N PRO B 103 -9.16 25.63 3.83
CA PRO B 103 -8.70 26.93 4.32
C PRO B 103 -9.14 27.30 5.74
N ASP B 104 -10.43 27.09 6.09
CA ASP B 104 -10.97 27.38 7.45
C ASP B 104 -11.27 26.08 8.24
N LEU B 105 -10.69 24.95 7.85
CA LEU B 105 -10.83 23.70 8.64
C LEU B 105 -9.43 23.10 8.84
N VAL B 106 -8.59 23.83 9.58
CA VAL B 106 -7.18 23.51 9.93
C VAL B 106 -7.19 22.83 11.31
N LEU B 107 -6.70 21.60 11.43
CA LEU B 107 -6.80 20.83 12.69
C LEU B 107 -5.40 20.43 13.18
N ASP B 108 -5.16 20.63 14.47
CA ASP B 108 -3.95 20.16 15.19
C ASP B 108 -4.21 18.69 15.51
N ARG B 109 -3.16 17.89 15.56
CA ARG B 109 -3.22 16.53 16.10
C ARG B 109 -4.14 16.51 17.35
N ASP B 110 -4.08 17.58 18.15
CA ASP B 110 -4.90 17.85 19.37
C ASP B 110 -6.38 17.48 19.16
N GLU B 111 -7.06 18.25 18.30
CA GLU B 111 -8.55 18.27 18.16
C GLU B 111 -9.07 16.90 17.74
N GLY B 112 -8.15 16.02 17.28
CA GLY B 112 -8.40 14.59 17.14
C GLY B 112 -9.10 14.05 18.38
N LYS B 113 -8.67 14.51 19.55
CA LYS B 113 -9.23 14.13 20.88
C LYS B 113 -10.75 13.96 20.78
N SER B 114 -11.42 14.79 19.97
CA SER B 114 -12.89 14.99 20.05
C SER B 114 -13.65 13.79 19.44
N VAL B 115 -12.95 12.82 18.85
CA VAL B 115 -13.55 11.59 18.24
C VAL B 115 -12.67 10.37 18.55
N GLU B 116 -13.28 9.34 19.12
CA GLU B 116 -12.65 8.04 19.47
C GLU B 116 -11.92 7.46 18.25
N GLY B 117 -10.58 7.38 18.29
CA GLY B 117 -9.75 6.65 17.32
C GLY B 117 -9.21 7.50 16.18
N ILE B 118 -9.72 8.72 16.00
CA ILE B 118 -9.36 9.59 14.84
C ILE B 118 -7.98 10.23 15.09
N LEU B 119 -7.48 10.14 16.33
CA LEU B 119 -6.13 10.64 16.71
C LEU B 119 -5.09 9.73 16.05
N GLU B 120 -5.29 8.41 16.11
CA GLU B 120 -4.45 7.46 15.35
C GLU B 120 -4.33 7.96 13.90
N ILE B 121 -5.45 8.30 13.26
CA ILE B 121 -5.52 8.56 11.79
C ILE B 121 -4.70 9.82 11.55
N PHE B 122 -4.98 10.87 12.33
CA PHE B 122 -4.29 12.18 12.22
C PHE B 122 -2.76 12.00 12.33
N ASP B 123 -2.29 10.97 13.06
CA ASP B 123 -0.84 10.76 13.31
C ASP B 123 -0.15 10.24 12.04
N MET B 124 -0.66 9.14 11.50
CA MET B 124 -0.21 8.57 10.19
C MET B 124 -0.16 9.72 9.18
N LEU B 125 -1.27 10.46 9.05
CA LEU B 125 -1.44 11.59 8.10
C LEU B 125 -0.33 12.64 8.31
N LEU B 126 0.03 12.88 9.57
CA LEU B 126 1.06 13.91 9.89
C LEU B 126 2.43 13.28 9.65
N ALA B 127 2.59 11.99 9.91
CA ALA B 127 3.88 11.27 9.77
C ALA B 127 4.23 11.18 8.29
N THR B 128 3.29 10.69 7.47
CA THR B 128 3.44 10.59 6.00
C THR B 128 3.71 12.01 5.46
N THR B 129 2.89 12.99 5.82
CA THR B 129 3.08 14.38 5.34
C THR B 129 4.52 14.80 5.60
N SER B 130 5.05 14.41 6.75
CA SER B 130 6.40 14.79 7.23
C SER B 130 7.45 14.26 6.27
N ARG B 131 7.31 12.98 5.92
CA ARG B 131 8.26 12.30 4.99
C ARG B 131 8.21 13.00 3.62
N PHE B 132 7.04 13.50 3.21
CA PHE B 132 6.82 14.21 1.92
C PHE B 132 7.55 15.55 2.03
N ARG B 133 7.42 16.19 3.18
CA ARG B 133 8.11 17.48 3.49
C ARG B 133 9.62 17.24 3.56
N GLU B 134 10.07 16.13 4.17
CA GLU B 134 11.53 15.77 4.22
C GLU B 134 12.04 15.53 2.79
N LEU B 135 11.28 14.77 1.96
CA LEU B 135 11.62 14.55 0.52
C LEU B 135 11.45 15.84 -0.30
N LYS B 136 10.87 16.90 0.25
CA LYS B 136 10.66 18.17 -0.50
C LYS B 136 9.86 17.86 -1.77
N LEU B 137 8.85 16.98 -1.64
CA LEU B 137 7.91 16.67 -2.76
C LEU B 137 7.56 17.97 -3.48
N GLN B 138 7.70 18.02 -4.82
CA GLN B 138 7.32 19.18 -5.69
C GLN B 138 5.87 19.07 -6.22
N HIS B 139 5.36 20.17 -6.75
CA HIS B 139 3.95 20.29 -7.22
C HIS B 139 3.72 19.28 -8.34
N LYS B 140 4.61 19.26 -9.35
CA LYS B 140 4.47 18.40 -10.55
C LYS B 140 4.65 16.94 -10.12
N GLU B 141 5.49 16.64 -9.15
CA GLU B 141 5.57 15.28 -8.57
C GLU B 141 4.21 14.91 -7.97
N TYR B 142 3.61 15.79 -7.14
CA TYR B 142 2.35 15.51 -6.42
C TYR B 142 1.25 15.16 -7.43
N LEU B 143 1.14 15.96 -8.49
CA LEU B 143 0.17 15.77 -9.60
C LEU B 143 0.28 14.34 -10.15
N CYS B 144 1.52 13.93 -10.45
CA CYS B 144 1.77 12.61 -11.07
C CYS B 144 1.41 11.53 -10.06
N VAL B 145 1.84 11.71 -8.81
CA VAL B 145 1.64 10.69 -7.74
C VAL B 145 0.15 10.57 -7.45
N LYS B 146 -0.61 11.66 -7.47
CA LYS B 146 -2.06 11.52 -7.12
C LYS B 146 -2.75 10.68 -8.21
N ALA B 147 -2.43 10.97 -9.47
CA ALA B 147 -2.90 10.24 -10.67
C ALA B 147 -2.57 8.75 -10.57
N MET B 148 -1.30 8.44 -10.27
CA MET B 148 -0.80 7.05 -10.09
C MET B 148 -1.58 6.32 -9.00
N ILE B 149 -2.01 7.00 -7.93
CA ILE B 149 -2.85 6.38 -6.85
C ILE B 149 -4.21 5.98 -7.42
N LEU B 150 -4.86 6.84 -8.20
CA LEU B 150 -6.13 6.45 -8.87
C LEU B 150 -5.85 5.29 -9.86
N LEU B 151 -4.96 5.50 -10.83
CA LEU B 151 -4.69 4.48 -11.89
C LEU B 151 -4.13 3.17 -11.33
N ASN B 152 -3.57 3.12 -10.12
CA ASN B 152 -2.87 1.88 -9.65
C ASN B 152 -3.74 1.15 -8.62
N SER B 153 -4.97 1.56 -8.40
CA SER B 153 -5.81 1.07 -7.27
C SER B 153 -6.45 -0.30 -7.59
N SER B 154 -6.15 -0.91 -8.74
CA SER B 154 -6.74 -2.21 -9.18
C SER B 154 -7.17 -3.05 -7.96
N ASP B 166 -9.98 -2.82 -25.34
CA ASP B 166 -9.72 -3.62 -24.12
C ASP B 166 -9.22 -2.71 -22.99
N SER B 167 -10.10 -2.41 -22.03
CA SER B 167 -9.90 -1.45 -20.93
C SER B 167 -8.62 -1.76 -20.14
N SER B 168 -8.29 -3.04 -19.93
CA SER B 168 -7.10 -3.45 -19.14
C SER B 168 -5.79 -3.08 -19.85
N ARG B 169 -5.73 -3.21 -21.18
CA ARG B 169 -4.58 -2.79 -22.03
C ARG B 169 -4.44 -1.26 -21.94
N LYS B 170 -5.57 -0.54 -21.96
CA LYS B 170 -5.63 0.95 -21.94
C LYS B 170 -5.22 1.52 -20.58
N LEU B 171 -5.65 0.90 -19.46
CA LEU B 171 -5.26 1.28 -18.06
C LEU B 171 -3.76 1.16 -17.85
N ALA B 172 -3.21 -0.01 -18.13
CA ALA B 172 -1.76 -0.27 -18.13
C ALA B 172 -1.01 0.87 -18.84
N HIS B 173 -1.46 1.26 -20.02
CA HIS B 173 -0.76 2.24 -20.90
C HIS B 173 -0.91 3.64 -20.29
N LEU B 174 -2.08 3.92 -19.71
CA LEU B 174 -2.36 5.19 -19.00
C LEU B 174 -1.48 5.29 -17.74
N LEU B 175 -1.45 4.26 -16.89
CA LEU B 175 -0.53 4.21 -15.71
C LEU B 175 0.93 4.43 -16.15
N ASN B 176 1.40 3.89 -17.27
CA ASN B 176 2.83 4.02 -17.68
C ASN B 176 3.11 5.43 -18.22
N ALA B 177 2.07 6.15 -18.63
CA ALA B 177 2.18 7.52 -19.20
C ALA B 177 2.37 8.51 -18.04
N VAL B 178 1.67 8.30 -16.93
CA VAL B 178 1.80 9.15 -15.72
C VAL B 178 3.15 8.84 -15.03
N THR B 179 3.49 7.56 -14.94
CA THR B 179 4.81 7.08 -14.47
C THR B 179 5.93 7.71 -15.30
N ASP B 180 5.80 7.71 -16.61
CA ASP B 180 6.72 8.38 -17.56
C ASP B 180 6.81 9.88 -17.24
N ALA B 181 5.67 10.52 -16.95
CA ALA B 181 5.60 11.95 -16.60
C ALA B 181 6.38 12.26 -15.31
N LEU B 182 6.09 11.53 -14.23
CA LEU B 182 6.84 11.64 -12.96
C LEU B 182 8.35 11.51 -13.24
N VAL B 183 8.76 10.46 -13.97
CA VAL B 183 10.19 10.20 -14.31
C VAL B 183 10.74 11.47 -15.00
N TRP B 184 9.94 12.11 -15.85
CA TRP B 184 10.37 13.29 -16.65
C TRP B 184 10.56 14.48 -15.73
N VAL B 185 9.54 14.76 -14.90
CA VAL B 185 9.58 15.79 -13.81
C VAL B 185 10.87 15.64 -12.99
N ILE B 186 11.11 14.45 -12.41
CA ILE B 186 12.30 14.15 -11.57
C ILE B 186 13.58 14.41 -12.36
N ALA B 187 13.65 13.99 -13.62
CA ALA B 187 14.83 14.24 -14.48
C ALA B 187 15.01 15.75 -14.76
N LYS B 188 13.90 16.51 -14.86
CA LYS B 188 13.97 17.99 -15.07
C LYS B 188 14.80 18.62 -13.94
N SER B 189 15.02 17.89 -12.82
CA SER B 189 15.72 18.41 -11.61
C SER B 189 17.24 18.40 -11.80
N GLY B 190 17.76 17.52 -12.67
CA GLY B 190 19.18 17.52 -13.07
C GLY B 190 20.06 16.73 -12.12
N ILE B 191 19.50 16.11 -11.08
CA ILE B 191 20.25 15.16 -10.20
C ILE B 191 20.74 14.01 -11.09
N SER B 192 21.85 13.38 -10.73
CA SER B 192 22.39 12.17 -11.40
C SER B 192 21.27 11.16 -11.59
N SER B 193 21.46 10.28 -12.55
CA SER B 193 20.58 9.14 -12.88
C SER B 193 20.32 8.29 -11.63
N GLN B 194 21.37 7.98 -10.87
CA GLN B 194 21.28 7.08 -9.68
C GLN B 194 20.41 7.76 -8.62
N GLN B 195 20.46 9.09 -8.55
CA GLN B 195 19.70 9.91 -7.58
C GLN B 195 18.25 10.00 -8.03
N GLN B 196 17.99 10.05 -9.34
CA GLN B 196 16.62 10.00 -9.89
C GLN B 196 15.94 8.68 -9.46
N SER B 197 16.62 7.57 -9.61
CA SER B 197 16.07 6.23 -9.23
C SER B 197 15.70 6.24 -7.74
N MET B 198 16.60 6.75 -6.91
CA MET B 198 16.47 6.72 -5.43
C MET B 198 15.25 7.55 -5.03
N ARG B 199 15.10 8.72 -5.65
CA ARG B 199 14.02 9.70 -5.37
C ARG B 199 12.72 9.07 -5.80
N LEU B 200 12.71 8.43 -6.97
CA LEU B 200 11.50 7.76 -7.52
C LEU B 200 11.07 6.64 -6.57
N ALA B 201 12.03 5.88 -6.06
CA ALA B 201 11.83 4.78 -5.08
C ALA B 201 11.25 5.32 -3.77
N ASN B 202 11.72 6.49 -3.30
CA ASN B 202 11.41 7.00 -1.93
C ASN B 202 10.00 7.55 -1.98
N LEU B 203 9.69 8.30 -3.04
CA LEU B 203 8.31 8.77 -3.32
C LEU B 203 7.35 7.57 -3.36
N LEU B 204 7.64 6.55 -4.17
CA LEU B 204 6.71 5.43 -4.42
C LEU B 204 6.53 4.57 -3.16
N MET B 205 7.61 4.22 -2.46
CA MET B 205 7.51 3.42 -1.20
C MET B 205 6.54 4.09 -0.22
N LEU B 206 6.29 5.40 -0.31
CA LEU B 206 5.19 6.07 0.47
C LEU B 206 3.80 5.62 0.01
N LEU B 207 3.63 5.11 -1.20
CA LEU B 207 2.28 4.68 -1.68
C LEU B 207 1.65 3.75 -0.64
N SER B 208 2.42 2.80 -0.11
CA SER B 208 1.89 1.77 0.83
C SER B 208 1.47 2.47 2.14
N HIS B 209 2.13 3.57 2.52
CA HIS B 209 1.86 4.32 3.77
C HIS B 209 0.52 5.06 3.65
N VAL B 210 0.34 5.85 2.59
CA VAL B 210 -0.95 6.47 2.19
C VAL B 210 -2.03 5.38 2.25
N ARG B 211 -1.80 4.27 1.57
CA ARG B 211 -2.78 3.16 1.43
C ARG B 211 -3.20 2.65 2.81
N HIS B 212 -2.25 2.58 3.77
CA HIS B 212 -2.51 2.09 5.15
C HIS B 212 -3.51 3.05 5.84
N ALA B 213 -3.18 4.35 5.82
CA ALA B 213 -3.98 5.49 6.32
C ALA B 213 -5.40 5.45 5.74
N SER B 214 -5.54 5.06 4.48
CA SER B 214 -6.85 4.91 3.78
C SER B 214 -7.66 3.77 4.43
N ASN B 215 -7.03 2.63 4.72
CA ASN B 215 -7.73 1.41 5.19
C ASN B 215 -8.26 1.68 6.60
N LYS B 216 -7.38 2.19 7.46
CA LYS B 216 -7.70 2.51 8.87
C LYS B 216 -8.82 3.54 8.83
N GLY B 217 -8.68 4.60 7.99
CA GLY B 217 -9.67 5.67 7.80
C GLY B 217 -11.02 5.12 7.35
N MET B 218 -11.04 4.23 6.38
CA MET B 218 -12.28 3.56 5.89
C MET B 218 -12.93 2.68 6.97
N GLU B 219 -12.14 1.89 7.71
CA GLU B 219 -12.68 1.03 8.80
C GLU B 219 -13.37 1.95 9.80
N HIS B 220 -12.66 3.01 10.17
CA HIS B 220 -13.09 4.01 11.18
C HIS B 220 -14.44 4.59 10.76
N LEU B 221 -14.55 4.99 9.50
CA LEU B 221 -15.77 5.61 8.95
C LEU B 221 -16.90 4.58 8.97
N LEU B 222 -16.56 3.34 8.59
CA LEU B 222 -17.54 2.25 8.61
C LEU B 222 -18.05 2.07 10.04
N ASN B 223 -17.15 2.13 11.02
CA ASN B 223 -17.49 1.97 12.46
C ASN B 223 -18.37 3.16 12.92
N MET B 224 -17.99 4.41 12.62
CA MET B 224 -18.74 5.63 13.07
C MET B 224 -20.16 5.62 12.49
N LYS B 225 -20.31 5.12 11.25
CA LYS B 225 -21.61 4.92 10.56
C LYS B 225 -22.45 3.89 11.34
N SER B 226 -21.84 2.81 11.85
CA SER B 226 -22.52 1.78 12.69
C SER B 226 -23.09 2.41 13.95
N LYS B 227 -22.40 3.41 14.50
CA LYS B 227 -22.67 3.97 15.86
C LYS B 227 -23.85 4.96 15.79
N ASN B 228 -24.30 5.37 14.60
CA ASN B 228 -25.39 6.37 14.42
C ASN B 228 -24.80 7.79 14.30
N VAL B 229 -23.46 7.93 14.46
CA VAL B 229 -22.72 9.24 14.40
C VAL B 229 -22.76 9.81 12.97
N VAL B 230 -22.58 8.97 11.95
CA VAL B 230 -22.47 9.40 10.52
C VAL B 230 -23.76 10.12 10.13
N PRO B 231 -23.70 11.07 9.15
CA PRO B 231 -24.88 11.64 8.52
C PRO B 231 -25.38 10.85 7.30
N VAL B 232 -26.42 11.37 6.64
CA VAL B 232 -26.99 10.90 5.33
C VAL B 232 -26.35 11.72 4.19
N TYR B 233 -25.33 11.15 3.54
CA TYR B 233 -24.71 11.70 2.30
C TYR B 233 -24.70 10.59 1.23
N ASP B 234 -25.61 10.70 0.25
CA ASP B 234 -25.72 9.77 -0.92
C ASP B 234 -24.31 9.36 -1.36
N LEU B 235 -23.50 10.28 -1.89
CA LEU B 235 -22.25 9.88 -2.60
C LEU B 235 -21.27 9.16 -1.66
N LEU B 236 -20.96 9.75 -0.51
CA LEU B 236 -19.98 9.22 0.48
C LEU B 236 -20.44 7.83 0.95
N LEU B 237 -21.72 7.68 1.27
CA LEU B 237 -22.28 6.39 1.74
C LEU B 237 -22.09 5.36 0.64
N GLU B 238 -22.39 5.77 -0.59
CA GLU B 238 -22.26 4.93 -1.81
C GLU B 238 -20.83 4.41 -1.89
N MET B 239 -19.84 5.31 -1.81
CA MET B 239 -18.39 5.01 -2.02
C MET B 239 -17.83 4.24 -0.82
N LEU B 240 -18.37 4.44 0.37
CA LEU B 240 -17.96 3.64 1.57
C LEU B 240 -18.49 2.21 1.43
N ASN B 241 -19.72 1.99 0.94
CA ASN B 241 -20.33 0.64 0.79
C ASN B 241 -19.56 -0.22 -0.21
N ALA B 242 -18.93 0.38 -1.23
CA ALA B 242 -17.84 -0.26 -2.01
C ALA B 242 -16.53 -0.12 -1.24
N HIS B 243 -16.18 -1.13 -0.45
CA HIS B 243 -15.05 -1.10 0.52
C HIS B 243 -14.04 -2.20 0.16
N SER C 3 2.15 -15.59 25.62
CA SER C 3 3.38 -16.26 25.05
C SER C 3 4.21 -15.25 24.23
N HIS C 4 5.53 -15.47 24.18
CA HIS C 4 6.54 -14.46 23.74
C HIS C 4 7.56 -15.06 22.76
N LYS C 5 7.07 -15.90 21.84
CA LYS C 5 7.94 -16.76 21.03
C LYS C 5 8.66 -15.87 19.99
N LEU C 6 8.03 -14.79 19.54
CA LEU C 6 8.69 -13.81 18.60
C LEU C 6 10.03 -13.32 19.20
N VAL C 7 9.97 -12.86 20.45
CA VAL C 7 11.15 -12.33 21.20
C VAL C 7 12.12 -13.48 21.50
N GLN C 8 11.63 -14.65 21.98
CA GLN C 8 12.47 -15.86 22.20
C GLN C 8 13.36 -16.11 20.98
N LEU C 9 12.73 -16.19 19.78
CA LEU C 9 13.39 -16.57 18.50
C LEU C 9 14.25 -15.42 18.01
N LEU C 10 13.84 -14.19 18.30
CA LEU C 10 14.60 -12.96 17.92
C LEU C 10 15.91 -12.90 18.71
N THR C 11 15.94 -13.45 19.93
CA THR C 11 17.06 -13.28 20.90
C THR C 11 17.98 -14.51 20.97
N THR C 12 17.70 -15.61 20.26
CA THR C 12 18.50 -16.86 20.28
C THR C 12 18.63 -17.46 18.87
N THR C 13 19.42 -18.53 18.75
CA THR C 13 19.59 -19.34 17.51
C THR C 13 19.46 -20.84 17.81
N HIS D 4 -25.66 4.35 -7.94
CA HIS D 4 -26.33 5.21 -8.95
C HIS D 4 -25.53 6.52 -9.10
N LYS D 5 -25.31 7.25 -8.01
CA LYS D 5 -24.79 8.64 -8.07
C LYS D 5 -23.39 8.69 -8.72
N LEU D 6 -22.50 7.76 -8.39
CA LEU D 6 -21.16 7.68 -9.04
C LEU D 6 -21.32 7.53 -10.57
N VAL D 7 -22.13 6.56 -11.00
CA VAL D 7 -22.34 6.25 -12.45
C VAL D 7 -22.91 7.50 -13.15
N GLN D 8 -23.89 8.19 -12.55
CA GLN D 8 -24.55 9.40 -13.11
C GLN D 8 -23.58 10.56 -13.22
N LEU D 9 -22.76 10.77 -12.19
CA LEU D 9 -21.72 11.83 -12.22
C LEU D 9 -20.67 11.47 -13.27
N LEU D 10 -20.42 10.18 -13.46
CA LEU D 10 -19.37 9.73 -14.43
C LEU D 10 -19.87 9.95 -15.88
N THR D 11 -21.19 9.82 -16.11
CA THR D 11 -21.82 9.66 -17.46
C THR D 11 -22.82 10.79 -17.77
N THR D 12 -23.65 11.22 -16.81
CA THR D 12 -24.80 12.16 -16.98
C THR D 12 -24.35 13.61 -16.72
N THR D 13 -23.03 13.86 -16.61
CA THR D 13 -22.44 15.13 -16.11
C THR D 13 -21.06 15.29 -16.73
#